data_7EXX
#
_entry.id   7EXX
#
_cell.length_a   139.248
_cell.length_b   182.286
_cell.length_c   59.492
_cell.angle_alpha   90.000
_cell.angle_beta   90.000
_cell.angle_gamma   90.000
#
_symmetry.space_group_name_H-M   'C 2 2 21'
#
loop_
_entity.id
_entity.type
_entity.pdbx_description
1 polymer 'DNA phosphorothioation-dependent restriction protein DptG'
2 non-polymer 'SODIUM ION'
3 water water
#
_entity_poly.entity_id   1
_entity_poly.type   'polypeptide(L)'
_entity_poly.pdbx_seq_one_letter_code
;GSHMYPIATNLKVSNNQLDSYLPIRNKNNNIDWQIVTGLVLSYAVKYKIDTYSLEQFRED(CSP)KTHLQILIDEPAFLS
VLERMYFSSQDIFRVSPLFLLFHAQFDGEKISAGSTADKRLGTLFANLMRDFSLNNPIQDKLNFIEKEMLNKLNKKLIRL
GEGPFAKEQPYLPYLVTCFQSDLAFLAEHPQYLLQELTNTLRLYAFSWCAQLALNLDNWQDGEPQSKSLFFILDTEKASS
ERDKIKLFGYKWFARQSEKLFPVLSALEVLQVKGEEKRPLWQVYQDCLGYSDTSNRVLNELNNYIQKFISKEERDLPERD
RATNLEDAFKQLLSVAVEQFQGKKTERAAVNRKYINELESQICTDFIQVRGRAGKVLVLNQDRLLLLTNLTVGKNKKLRL
HELLRGFEQRGFYLDNQSTQMLVAFYERMGNVERMSDSGDAVYVRKTV
;
_entity_poly.pdbx_strand_id   A
#
loop_
_chem_comp.id
_chem_comp.type
_chem_comp.name
_chem_comp.formula
NA non-polymer 'SODIUM ION' 'Na 1'
#
# COMPACT_ATOMS: atom_id res chain seq x y z
N GLY A 1 12.35 9.28 -29.65
CA GLY A 1 12.74 9.50 -28.22
C GLY A 1 13.83 8.55 -27.73
N SER A 2 13.42 7.36 -27.28
CA SER A 2 14.35 6.34 -26.77
C SER A 2 14.80 5.39 -27.88
N HIS A 3 15.87 4.64 -27.59
CA HIS A 3 16.19 3.46 -28.39
C HIS A 3 16.48 2.23 -27.51
N MET A 4 15.85 2.21 -26.34
CA MET A 4 15.77 1.02 -25.50
C MET A 4 14.51 0.29 -25.94
N TYR A 5 14.66 -0.95 -26.41
CA TYR A 5 13.51 -1.72 -26.87
C TYR A 5 12.54 -1.88 -25.68
N PRO A 6 11.26 -1.50 -25.86
CA PRO A 6 10.41 -1.21 -24.70
C PRO A 6 9.66 -2.38 -24.04
N ILE A 7 9.67 -3.56 -24.63
CA ILE A 7 8.94 -4.68 -24.05
C ILE A 7 9.79 -5.91 -24.10
N ALA A 8 9.31 -6.97 -23.47
CA ALA A 8 10.08 -8.20 -23.40
C ALA A 8 10.42 -8.62 -24.81
N THR A 9 11.63 -9.14 -24.98
CA THR A 9 12.13 -9.49 -26.30
C THR A 9 11.46 -10.76 -26.82
N ASN A 10 10.97 -11.59 -25.91
CA ASN A 10 10.22 -12.79 -26.26
C ASN A 10 8.93 -12.86 -25.44
N LEU A 11 7.79 -12.78 -26.13
CA LEU A 11 6.48 -12.73 -25.50
C LEU A 11 5.82 -14.10 -25.58
N LYS A 12 5.79 -14.81 -24.46
CA LYS A 12 5.27 -16.19 -24.41
C LYS A 12 3.79 -16.20 -24.09
N VAL A 13 3.01 -16.94 -24.87
CA VAL A 13 1.63 -17.21 -24.49
C VAL A 13 1.64 -18.33 -23.47
N SER A 14 1.55 -17.97 -22.21
CA SER A 14 1.81 -18.88 -21.10
C SER A 14 0.62 -18.89 -20.15
N ASN A 15 0.80 -19.47 -18.97
CA ASN A 15 -0.21 -19.40 -17.92
C ASN A 15 -0.22 -18.02 -17.29
N ASN A 16 -1.40 -17.53 -16.94
CA ASN A 16 -1.54 -16.24 -16.28
C ASN A 16 -0.76 -16.24 -14.97
N GLN A 17 0.13 -15.28 -14.82
CA GLN A 17 0.83 -15.12 -13.56
C GLN A 17 1.15 -13.66 -13.34
N LEU A 18 1.25 -13.27 -12.07
CA LEU A 18 1.85 -11.98 -11.75
C LEU A 18 2.89 -12.20 -10.69
N ASP A 19 3.96 -11.44 -10.82
CA ASP A 19 5.00 -11.44 -9.84
C ASP A 19 5.20 -10.05 -9.25
N SER A 20 4.34 -9.11 -9.60
CA SER A 20 4.52 -7.74 -9.16
C SER A 20 3.26 -6.91 -8.92
N TYR A 21 3.43 -5.86 -8.14
CA TYR A 21 2.41 -4.83 -7.88
C TYR A 21 1.28 -5.16 -6.92
N LEU A 22 0.49 -6.17 -7.20
CA LEU A 22 -0.56 -6.56 -6.29
C LEU A 22 0.05 -7.35 -5.16
N PRO A 23 -0.27 -7.02 -3.91
CA PRO A 23 0.32 -7.74 -2.78
C PRO A 23 -0.36 -9.05 -2.38
N ILE A 24 -1.44 -9.42 -3.05
CA ILE A 24 -2.10 -10.69 -2.78
C ILE A 24 -2.07 -11.62 -3.98
N ARG A 25 -2.21 -12.90 -3.70
CA ARG A 25 -2.33 -13.88 -4.75
C ARG A 25 -3.68 -14.57 -4.52
N ASN A 26 -3.99 -15.60 -5.29
CA ASN A 26 -5.30 -16.26 -5.17
C ASN A 26 -5.43 -17.15 -3.92
N LYS A 27 -4.30 -17.40 -3.25
CA LYS A 27 -4.30 -18.09 -1.95
C LYS A 27 -3.04 -17.68 -1.19
N ASN A 28 -2.89 -18.16 0.04
CA ASN A 28 -1.67 -17.91 0.85
C ASN A 28 -1.50 -16.43 1.22
N ASN A 29 -2.58 -15.82 1.70
CA ASN A 29 -2.54 -14.39 2.03
C ASN A 29 -2.65 -14.13 3.53
N ASN A 30 -2.08 -15.05 4.30
CA ASN A 30 -2.02 -14.90 5.74
C ASN A 30 -0.94 -13.88 6.10
N ILE A 31 -1.36 -12.72 6.58
CA ILE A 31 -0.46 -11.60 6.79
C ILE A 31 -0.16 -11.41 8.28
N ASP A 32 1.12 -11.26 8.60
CA ASP A 32 1.55 -10.90 9.95
C ASP A 32 1.88 -9.41 9.93
N TRP A 33 0.91 -8.58 10.34
CA TRP A 33 1.05 -7.15 10.20
C TRP A 33 2.17 -6.56 11.06
N GLN A 34 2.51 -7.23 12.17
CA GLN A 34 3.65 -6.75 12.95
C GLN A 34 4.96 -7.04 12.22
N ILE A 35 5.06 -8.16 11.52
CA ILE A 35 6.22 -8.45 10.70
C ILE A 35 6.32 -7.42 9.58
N VAL A 36 5.21 -7.21 8.88
CA VAL A 36 5.19 -6.21 7.83
C VAL A 36 5.65 -4.85 8.35
N THR A 37 5.22 -4.51 9.57
CA THR A 37 5.58 -3.23 10.20
C THR A 37 7.08 -3.19 10.47
N GLY A 38 7.61 -4.26 11.06
CA GLY A 38 9.04 -4.38 11.28
C GLY A 38 9.85 -4.25 10.01
N LEU A 39 9.37 -4.92 8.95
CA LEU A 39 10.01 -4.85 7.62
C LEU A 39 10.03 -3.44 7.06
N VAL A 40 8.96 -2.69 7.28
CA VAL A 40 8.90 -1.34 6.79
C VAL A 40 9.92 -0.45 7.50
N LEU A 41 9.97 -0.57 8.82
CA LEU A 41 10.90 0.22 9.58
C LEU A 41 12.35 -0.18 9.24
N SER A 42 12.60 -1.48 9.11
CA SER A 42 13.92 -1.98 8.71
C SER A 42 14.40 -1.32 7.44
N TYR A 43 13.53 -1.30 6.43
CA TYR A 43 13.86 -0.66 5.16
C TYR A 43 14.00 0.87 5.27
N ALA A 44 13.24 1.48 6.16
CA ALA A 44 13.36 2.91 6.43
C ALA A 44 14.72 3.31 7.03
N VAL A 45 15.24 2.52 7.99
CA VAL A 45 16.50 2.86 8.67
C VAL A 45 17.73 2.09 8.17
N LYS A 46 17.50 1.09 7.33
CA LYS A 46 18.57 0.24 6.76
C LYS A 46 19.33 -0.58 7.80
N TYR A 47 18.58 -1.11 8.77
CA TYR A 47 19.08 -2.06 9.74
C TYR A 47 18.10 -3.20 9.93
N LYS A 48 18.62 -4.32 10.40
CA LYS A 48 17.81 -5.49 10.72
C LYS A 48 18.36 -6.17 11.95
N ILE A 49 17.58 -7.10 12.48
CA ILE A 49 18.00 -7.93 13.61
C ILE A 49 17.97 -9.38 13.15
N ASP A 50 19.01 -10.12 13.54
CA ASP A 50 19.21 -11.49 13.07
C ASP A 50 19.02 -12.51 14.19
N THR A 51 17.95 -13.29 14.09
CA THR A 51 17.71 -14.45 14.98
C THR A 51 18.07 -14.16 16.44
N TYR A 52 17.33 -13.25 17.05
CA TYR A 52 17.62 -12.71 18.38
C TYR A 52 16.32 -12.00 18.83
N SER A 53 15.70 -12.53 19.88
CA SER A 53 14.36 -12.11 20.27
C SER A 53 14.39 -10.91 21.21
N LEU A 54 13.27 -10.20 21.29
CA LEU A 54 13.14 -9.12 22.25
C LEU A 54 13.20 -9.67 23.69
N GLU A 55 12.71 -10.89 23.90
CA GLU A 55 12.84 -11.57 25.21
C GLU A 55 14.30 -11.62 25.62
N GLN A 56 15.14 -12.08 24.71
CA GLN A 56 16.55 -12.18 24.98
C GLN A 56 17.21 -10.82 25.13
N PHE A 57 16.77 -9.82 24.35
CA PHE A 57 17.36 -8.50 24.45
C PHE A 57 17.04 -7.93 25.83
N ARG A 58 15.80 -8.05 26.24
CA ARG A 58 15.37 -7.61 27.57
C ARG A 58 16.28 -8.21 28.65
N GLU A 59 16.46 -9.52 28.64
CA GLU A 59 17.33 -10.16 29.64
C GLU A 59 18.77 -9.67 29.55
N ASP A 60 19.29 -9.58 28.34
CA ASP A 60 20.67 -9.15 28.11
C ASP A 60 20.87 -7.71 28.54
N CSP A 61 19.84 -6.90 28.38
CA CSP A 61 19.85 -5.51 28.81
CB CSP A 61 18.59 -4.85 28.28
SG CSP A 61 18.61 -3.10 28.56
C CSP A 61 19.95 -5.41 30.30
O CSP A 61 20.77 -4.68 30.79
P CSP A 61 16.89 -2.92 29.74
O1P CSP A 61 16.59 -1.48 29.64
O2P CSP A 61 15.52 -3.71 29.24
O3P CSP A 61 17.14 -3.36 31.26
N LYS A 62 19.14 -6.16 31.05
CA LYS A 62 19.24 -6.17 32.51
C LYS A 62 20.66 -6.52 32.92
N THR A 63 21.12 -7.66 32.44
CA THR A 63 22.49 -8.12 32.67
C THR A 63 23.54 -7.04 32.34
N HIS A 64 23.44 -6.43 31.17
CA HIS A 64 24.36 -5.39 30.71
C HIS A 64 24.41 -4.23 31.69
N LEU A 65 23.27 -3.89 32.27
CA LEU A 65 23.17 -2.74 33.16
C LEU A 65 23.72 -3.06 34.53
N GLN A 66 23.57 -4.30 35.00
CA GLN A 66 24.15 -4.67 36.28
C GLN A 66 25.65 -4.94 36.23
N ILE A 67 26.20 -5.10 35.04
CA ILE A 67 27.65 -5.17 34.90
C ILE A 67 28.23 -3.78 35.15
N LEU A 68 27.49 -2.76 34.70
CA LEU A 68 27.90 -1.38 34.87
C LEU A 68 27.69 -0.85 36.29
N ILE A 69 26.70 -1.38 37.00
CA ILE A 69 26.36 -0.89 38.33
C ILE A 69 26.32 -2.02 39.36
N ASP A 70 25.29 -2.86 39.31
CA ASP A 70 25.14 -4.02 40.20
C ASP A 70 24.55 -3.68 41.58
N GLU A 71 23.96 -2.50 41.72
CA GLU A 71 23.31 -2.12 42.98
C GLU A 71 21.99 -2.93 43.04
N PRO A 72 21.72 -3.63 44.17
CA PRO A 72 20.55 -4.50 44.24
C PRO A 72 19.22 -3.77 44.03
N ALA A 73 19.18 -2.52 44.49
CA ALA A 73 17.99 -1.69 44.36
C ALA A 73 17.78 -1.32 42.90
N PHE A 74 18.88 -1.01 42.20
CA PHE A 74 18.80 -0.51 40.82
C PHE A 74 18.20 -1.54 39.88
N LEU A 75 18.68 -2.77 39.99
CA LEU A 75 18.19 -3.89 39.19
C LEU A 75 16.69 -4.04 39.34
N SER A 76 16.26 -4.07 40.60
CA SER A 76 14.85 -4.22 40.96
C SER A 76 13.99 -3.14 40.29
N VAL A 77 14.54 -1.94 40.13
CA VAL A 77 13.81 -0.81 39.54
C VAL A 77 13.70 -0.90 38.01
N LEU A 78 14.80 -1.25 37.35
CA LEU A 78 14.79 -1.46 35.90
C LEU A 78 13.94 -2.65 35.49
N GLU A 79 13.96 -3.69 36.32
CA GLU A 79 13.01 -4.80 36.20
C GLU A 79 11.59 -4.28 36.13
N ARG A 80 11.27 -3.36 37.04
CA ARG A 80 9.94 -2.77 37.11
C ARG A 80 9.74 -1.72 36.01
N MET A 81 10.75 -0.87 35.78
CA MET A 81 10.68 0.17 34.74
C MET A 81 10.36 -0.40 33.36
N TYR A 82 10.85 -1.61 33.10
CA TYR A 82 10.72 -2.20 31.77
C TYR A 82 10.10 -3.59 31.77
N PHE A 83 9.34 -3.89 32.82
CA PHE A 83 8.60 -5.17 32.92
C PHE A 83 7.59 -5.32 31.76
N SER A 84 6.95 -4.19 31.44
CA SER A 84 6.03 -4.07 30.30
C SER A 84 6.82 -3.68 29.05
N SER A 85 6.67 -4.47 27.99
CA SER A 85 7.41 -4.26 26.76
C SER A 85 7.05 -2.96 26.03
N GLN A 86 5.83 -2.46 26.24
CA GLN A 86 5.45 -1.15 25.71
C GLN A 86 6.44 -0.07 26.18
N ASP A 87 7.00 -0.21 27.38
CA ASP A 87 7.99 0.74 27.86
C ASP A 87 9.36 0.62 27.16
N ILE A 88 9.70 -0.55 26.64
CA ILE A 88 10.86 -0.67 25.76
C ILE A 88 10.55 -0.05 24.41
N PHE A 89 9.40 -0.40 23.83
CA PHE A 89 9.00 0.15 22.52
C PHE A 89 8.96 1.69 22.54
N ARG A 90 8.53 2.27 23.65
CA ARG A 90 8.39 3.73 23.79
C ARG A 90 9.71 4.49 23.73
N VAL A 91 10.80 3.80 24.01
CA VAL A 91 12.13 4.41 23.97
C VAL A 91 12.55 4.69 22.51
N SER A 92 12.21 3.77 21.62
CA SER A 92 12.48 3.97 20.20
C SER A 92 11.65 3.00 19.38
N PRO A 93 11.06 3.48 18.28
CA PRO A 93 10.45 2.52 17.37
C PRO A 93 11.44 1.60 16.66
N LEU A 94 12.74 1.79 16.85
CA LEU A 94 13.72 0.83 16.36
C LEU A 94 13.43 -0.56 16.94
N PHE A 95 12.84 -0.61 18.13
CA PHE A 95 12.46 -1.87 18.73
C PHE A 95 11.46 -2.69 17.90
N LEU A 96 10.75 -2.03 16.98
CA LEU A 96 9.85 -2.77 16.10
C LEU A 96 10.63 -3.68 15.16
N LEU A 97 11.93 -3.43 14.99
CA LEU A 97 12.78 -4.33 14.19
C LEU A 97 12.80 -5.76 14.68
N PHE A 98 12.58 -5.96 15.97
CA PHE A 98 12.49 -7.31 16.50
C PHE A 98 11.34 -8.12 15.91
N HIS A 99 10.33 -7.45 15.36
CA HIS A 99 9.21 -8.14 14.73
C HIS A 99 9.58 -8.76 13.39
N ALA A 100 10.58 -8.19 12.74
CA ALA A 100 10.98 -8.65 11.41
C ALA A 100 12.34 -9.34 11.49
N GLN A 101 12.34 -10.53 12.10
CA GLN A 101 13.56 -11.28 12.29
C GLN A 101 14.14 -11.69 10.95
N PHE A 102 15.42 -11.41 10.76
CA PHE A 102 16.14 -11.96 9.64
C PHE A 102 16.96 -13.18 10.05
N ASP A 103 17.19 -14.03 9.07
CA ASP A 103 18.15 -15.13 9.16
C ASP A 103 19.04 -15.06 7.91
N GLY A 104 20.18 -14.39 8.06
CA GLY A 104 20.98 -14.03 6.90
C GLY A 104 20.24 -13.03 6.08
N GLU A 105 20.12 -13.30 4.78
CA GLU A 105 19.39 -12.42 3.86
C GLU A 105 17.91 -12.75 3.87
N LYS A 106 17.54 -13.88 4.50
CA LYS A 106 16.15 -14.32 4.53
C LYS A 106 15.37 -13.71 5.68
N ILE A 107 14.10 -13.44 5.41
CA ILE A 107 13.14 -13.01 6.40
C ILE A 107 12.77 -14.30 7.12
N SER A 108 13.09 -14.37 8.40
CA SER A 108 13.03 -15.62 9.12
C SER A 108 11.62 -16.21 9.24
N ALA A 109 10.61 -15.44 9.62
CA ALA A 109 9.29 -16.01 9.91
C ALA A 109 8.14 -15.49 9.04
N GLY A 110 8.45 -14.64 8.08
CA GLY A 110 7.41 -14.05 7.27
C GLY A 110 6.78 -15.06 6.33
N SER A 111 5.49 -14.95 6.12
CA SER A 111 4.85 -15.63 5.00
C SER A 111 5.25 -14.90 3.74
N THR A 112 5.00 -15.50 2.59
CA THR A 112 5.32 -14.85 1.33
C THR A 112 4.41 -13.63 1.07
N ALA A 113 3.24 -13.59 1.71
CA ALA A 113 2.38 -12.41 1.68
C ALA A 113 3.00 -11.24 2.44
N ASP A 114 3.67 -11.53 3.55
CA ASP A 114 4.41 -10.50 4.28
C ASP A 114 5.48 -9.87 3.41
N LYS A 115 6.16 -10.72 2.64
CA LYS A 115 7.25 -10.24 1.78
C LYS A 115 6.69 -9.40 0.66
N ARG A 116 5.56 -9.83 0.08
CA ARG A 116 4.83 -9.03 -0.92
C ARG A 116 4.43 -7.65 -0.42
N LEU A 117 3.84 -7.56 0.77
CA LEU A 117 3.50 -6.24 1.35
C LEU A 117 4.75 -5.42 1.65
N GLY A 118 5.77 -6.09 2.16
CA GLY A 118 7.07 -5.45 2.36
C GLY A 118 7.55 -4.82 1.08
N THR A 119 7.36 -5.53 -0.02
CA THR A 119 7.78 -5.07 -1.33
C THR A 119 6.97 -3.86 -1.81
N LEU A 120 5.66 -3.88 -1.60
CA LEU A 120 4.81 -2.72 -1.90
C LEU A 120 5.34 -1.47 -1.21
N PHE A 121 5.56 -1.56 0.09
CA PHE A 121 5.99 -0.39 0.84
C PHE A 121 7.42 0.02 0.53
N ALA A 122 8.32 -0.95 0.27
CA ALA A 122 9.69 -0.55 -0.10
C ALA A 122 9.67 0.26 -1.40
N ASN A 123 8.80 -0.09 -2.32
CA ASN A 123 8.64 0.72 -3.53
C ASN A 123 7.82 2.01 -3.35
N LEU A 124 7.27 2.26 -2.16
CA LEU A 124 6.77 3.60 -1.82
C LEU A 124 7.84 4.41 -1.11
N MET A 125 8.98 3.79 -0.83
CA MET A 125 10.07 4.36 -0.01
C MET A 125 11.41 4.48 -0.79
N ARG A 126 11.35 4.56 -2.11
CA ARG A 126 12.57 4.73 -2.92
C ARG A 126 13.21 6.08 -2.67
N ASP A 127 14.50 6.04 -2.35
CA ASP A 127 15.32 7.24 -2.06
C ASP A 127 14.77 7.97 -0.86
N PHE A 128 14.28 7.18 0.09
CA PHE A 128 13.71 7.72 1.30
C PHE A 128 14.42 7.13 2.49
N SER A 129 14.77 7.98 3.45
CA SER A 129 15.42 7.53 4.66
C SER A 129 14.83 8.17 5.87
N LEU A 130 14.76 7.40 6.95
CA LEU A 130 14.52 7.95 8.25
C LEU A 130 15.81 8.09 9.03
N ASN A 131 16.03 9.30 9.52
CA ASN A 131 16.88 9.57 10.67
C ASN A 131 16.25 8.88 11.87
N ASN A 132 17.03 8.11 12.62
CA ASN A 132 16.52 7.28 13.73
C ASN A 132 15.52 8.03 14.64
N PRO A 133 14.24 7.57 14.68
CA PRO A 133 13.26 8.27 15.54
C PRO A 133 13.56 8.14 17.04
N LEU A 138 15.52 11.79 24.58
CA LEU A 138 16.09 10.58 25.18
C LEU A 138 16.85 10.86 26.47
N ASN A 139 16.36 10.32 27.59
CA ASN A 139 17.10 10.42 28.84
C ASN A 139 18.31 9.47 28.87
N PHE A 140 19.05 9.52 29.98
CA PHE A 140 20.33 8.83 30.09
C PHE A 140 20.24 7.31 30.17
N ILE A 141 19.18 6.79 30.80
CA ILE A 141 18.96 5.34 30.82
C ILE A 141 18.60 4.86 29.42
N GLU A 142 17.68 5.57 28.79
CA GLU A 142 17.22 5.19 27.47
C GLU A 142 18.39 5.18 26.47
N LYS A 143 19.31 6.12 26.62
CA LYS A 143 20.42 6.25 25.69
C LYS A 143 21.36 5.05 25.81
N GLU A 144 21.49 4.53 27.02
CA GLU A 144 22.31 3.35 27.23
C GLU A 144 21.64 2.10 26.60
N MET A 145 20.31 2.09 26.63
CA MET A 145 19.53 1.00 26.07
C MET A 145 19.67 0.99 24.54
N LEU A 146 19.56 2.16 23.91
CA LEU A 146 19.81 2.26 22.47
C LEU A 146 21.26 2.02 22.10
N ASN A 147 22.17 2.27 23.02
CA ASN A 147 23.55 1.92 22.79
C ASN A 147 23.72 0.41 22.76
N LYS A 148 23.04 -0.30 23.65
CA LYS A 148 23.06 -1.75 23.63
C LYS A 148 22.38 -2.29 22.35
N LEU A 149 21.29 -1.63 21.95
CA LEU A 149 20.56 -2.00 20.74
C LEU A 149 21.41 -1.85 19.48
N ASN A 150 22.12 -0.73 19.34
CA ASN A 150 22.99 -0.47 18.17
C ASN A 150 24.02 -1.57 17.99
N LYS A 151 24.48 -2.16 19.08
CA LYS A 151 25.40 -3.29 18.99
C LYS A 151 24.77 -4.52 18.33
N LYS A 152 23.45 -4.63 18.39
CA LYS A 152 22.72 -5.74 17.79
C LYS A 152 22.33 -5.53 16.35
N LEU A 153 22.27 -4.27 15.92
CA LEU A 153 21.76 -3.92 14.59
C LEU A 153 22.76 -4.29 13.49
N ILE A 154 22.25 -4.98 12.47
CA ILE A 154 23.03 -5.42 11.32
C ILE A 154 22.60 -4.53 10.15
N ARG A 155 23.54 -4.16 9.29
CA ARG A 155 23.21 -3.32 8.15
C ARG A 155 22.34 -4.09 7.17
N LEU A 156 21.34 -3.43 6.60
CA LEU A 156 20.40 -4.10 5.72
C LEU A 156 20.99 -4.47 4.36
N GLY A 157 21.76 -3.56 3.79
CA GLY A 157 22.16 -3.68 2.39
C GLY A 157 20.97 -3.33 1.51
N GLU A 158 20.90 -3.96 0.33
CA GLU A 158 19.81 -3.68 -0.59
C GLU A 158 18.50 -4.20 -0.01
N GLY A 159 18.58 -5.29 0.75
CA GLY A 159 17.42 -5.88 1.39
C GLY A 159 16.79 -6.90 0.46
N PRO A 160 15.71 -7.53 0.92
CA PRO A 160 15.09 -8.67 0.27
C PRO A 160 13.98 -8.38 -0.71
N PHE A 161 13.66 -7.12 -0.97
CA PHE A 161 12.49 -6.80 -1.82
C PHE A 161 12.86 -6.51 -3.28
N ALA A 162 11.91 -6.78 -4.18
CA ALA A 162 12.09 -6.51 -5.60
C ALA A 162 11.87 -5.03 -5.89
N LYS A 163 12.59 -4.49 -6.87
CA LYS A 163 12.40 -3.12 -7.29
C LYS A 163 11.33 -3.06 -8.37
N GLU A 164 10.36 -2.18 -8.18
CA GLU A 164 9.23 -1.99 -9.09
C GLU A 164 9.01 -0.50 -9.25
N GLN A 165 8.99 0.01 -10.49
CA GLN A 165 8.76 1.42 -10.67
C GLN A 165 7.37 1.73 -10.15
N PRO A 166 7.24 2.81 -9.34
CA PRO A 166 5.95 3.15 -8.70
C PRO A 166 4.76 3.30 -9.67
N TYR A 167 3.70 2.55 -9.42
CA TYR A 167 2.54 2.56 -10.30
C TYR A 167 1.79 3.86 -10.05
N LEU A 168 1.75 4.30 -8.79
CA LEU A 168 0.95 5.45 -8.40
C LEU A 168 1.82 6.47 -7.64
N PRO A 169 2.55 7.30 -8.36
CA PRO A 169 3.51 8.21 -7.72
C PRO A 169 2.93 9.16 -6.68
N TYR A 170 1.65 9.50 -6.83
CA TYR A 170 0.99 10.37 -5.88
C TYR A 170 0.90 9.76 -4.46
N LEU A 171 0.65 8.45 -4.37
CA LEU A 171 0.67 7.78 -3.06
C LEU A 171 2.09 7.70 -2.46
N VAL A 172 3.12 7.69 -3.31
CA VAL A 172 4.50 7.72 -2.84
C VAL A 172 4.76 8.99 -2.02
N THR A 173 4.44 10.13 -2.63
CA THR A 173 4.62 11.42 -2.00
C THR A 173 3.91 11.47 -0.65
N CYS A 174 2.67 11.01 -0.64
CA CYS A 174 1.85 11.02 0.56
C CYS A 174 2.41 10.05 1.62
N PHE A 175 2.80 8.86 1.18
CA PHE A 175 3.30 7.84 2.12
C PHE A 175 4.56 8.32 2.81
N GLN A 176 5.41 9.00 2.05
CA GLN A 176 6.69 9.44 2.57
C GLN A 176 6.53 10.62 3.53
N SER A 177 5.59 11.53 3.22
CA SER A 177 5.24 12.59 4.17
C SER A 177 4.69 12.01 5.47
N ASP A 178 3.83 11.01 5.34
CA ASP A 178 3.17 10.42 6.49
C ASP A 178 4.15 9.63 7.37
N LEU A 179 5.07 8.88 6.76
CA LEU A 179 6.09 8.19 7.55
C LEU A 179 7.00 9.19 8.25
N ALA A 180 7.29 10.28 7.57
CA ALA A 180 8.15 11.32 8.13
C ALA A 180 7.47 11.97 9.31
N PHE A 181 6.17 12.22 9.20
CA PHE A 181 5.40 12.76 10.30
C PHE A 181 5.35 11.81 11.50
N LEU A 182 5.06 10.55 11.27
CA LEU A 182 5.04 9.56 12.35
C LEU A 182 6.40 9.47 13.06
N ALA A 183 7.48 9.56 12.31
CA ALA A 183 8.83 9.47 12.87
C ALA A 183 9.13 10.64 13.81
N GLU A 184 8.53 11.80 13.54
CA GLU A 184 8.61 12.95 14.44
C GLU A 184 7.75 12.77 15.69
N HIS A 185 6.86 11.78 15.72
CA HIS A 185 5.98 11.54 16.87
C HIS A 185 5.99 10.06 17.27
N PRO A 186 7.09 9.62 17.89
CA PRO A 186 7.34 8.18 18.11
C PRO A 186 6.24 7.46 18.87
N GLN A 187 5.64 8.12 19.85
CA GLN A 187 4.55 7.51 20.60
C GLN A 187 3.37 7.27 19.66
N TYR A 188 3.12 8.21 18.77
CA TYR A 188 2.03 8.06 17.82
C TYR A 188 2.41 7.04 16.75
N LEU A 189 3.69 7.03 16.35
CA LEU A 189 4.19 5.98 15.45
C LEU A 189 3.82 4.57 15.93
N LEU A 190 4.05 4.30 17.22
CA LEU A 190 3.73 2.98 17.82
C LEU A 190 2.27 2.66 17.80
N GLN A 191 1.46 3.65 18.18
CA GLN A 191 0.01 3.53 18.13
C GLN A 191 -0.50 3.28 16.70
N GLU A 192 0.11 3.89 15.69
CA GLU A 192 -0.53 3.96 14.36
C GLU A 192 0.25 3.53 13.12
N LEU A 193 1.53 3.21 13.23
CA LEU A 193 2.26 2.87 12.00
C LEU A 193 1.57 1.72 11.29
N THR A 194 1.24 0.69 12.04
CA THR A 194 0.66 -0.49 11.45
C THR A 194 -0.66 -0.17 10.78
N ASN A 195 -1.49 0.65 11.44
CA ASN A 195 -2.77 1.05 10.83
C ASN A 195 -2.56 1.91 9.59
N THR A 196 -1.54 2.77 9.62
CA THR A 196 -1.18 3.50 8.44
C THR A 196 -0.85 2.55 7.30
N LEU A 197 -0.18 1.44 7.59
CA LEU A 197 0.14 0.48 6.53
C LEU A 197 -1.09 -0.25 6.01
N ARG A 198 -2.01 -0.62 6.90
CA ARG A 198 -3.25 -1.26 6.45
C ARG A 198 -4.06 -0.30 5.59
N LEU A 199 -4.05 0.97 5.99
CA LEU A 199 -4.73 2.02 5.26
C LEU A 199 -4.14 2.19 3.85
N TYR A 200 -2.82 2.30 3.75
CA TYR A 200 -2.14 2.46 2.47
C TYR A 200 -2.25 1.20 1.62
N ALA A 201 -2.15 0.04 2.22
CA ALA A 201 -2.28 -1.18 1.43
C ALA A 201 -3.64 -1.21 0.73
N PHE A 202 -4.70 -0.86 1.44
CA PHE A 202 -6.03 -0.82 0.85
C PHE A 202 -6.14 0.24 -0.22
N SER A 203 -5.76 1.45 0.13
CA SER A 203 -5.93 2.55 -0.80
C SER A 203 -5.12 2.32 -2.07
N TRP A 204 -3.88 1.84 -1.92
CA TRP A 204 -3.04 1.52 -3.06
C TRP A 204 -3.73 0.51 -4.00
N CYS A 205 -4.24 -0.60 -3.47
CA CYS A 205 -4.93 -1.59 -4.29
C CYS A 205 -6.19 -1.02 -4.93
N ALA A 206 -6.91 -0.16 -4.22
CA ALA A 206 -8.12 0.45 -4.77
C ALA A 206 -7.76 1.45 -5.85
N GLN A 207 -6.83 2.35 -5.54
CA GLN A 207 -6.39 3.33 -6.53
C GLN A 207 -5.78 2.67 -7.77
N LEU A 208 -5.12 1.53 -7.61
CA LEU A 208 -4.55 0.79 -8.73
C LEU A 208 -5.66 0.31 -9.64
N ALA A 209 -6.64 -0.38 -9.05
CA ALA A 209 -7.80 -0.89 -9.78
C ALA A 209 -8.46 0.20 -10.59
N LEU A 210 -8.62 1.37 -9.97
CA LEU A 210 -9.31 2.48 -10.60
C LEU A 210 -8.44 3.17 -11.67
N ASN A 211 -7.14 2.94 -11.66
CA ASN A 211 -6.28 3.56 -12.68
C ASN A 211 -5.81 2.61 -13.79
N LEU A 212 -6.19 1.33 -13.72
CA LEU A 212 -5.74 0.33 -14.69
C LEU A 212 -6.07 0.71 -16.13
N ASP A 213 -7.27 1.20 -16.36
CA ASP A 213 -7.73 1.55 -17.70
C ASP A 213 -7.14 2.84 -18.24
N ASN A 214 -6.49 3.62 -17.38
CA ASN A 214 -5.92 4.90 -17.79
C ASN A 214 -4.49 4.80 -18.28
N TRP A 215 -4.13 3.66 -18.86
CA TRP A 215 -2.76 3.41 -19.35
C TRP A 215 -2.32 4.29 -20.55
N GLN A 216 -3.26 4.96 -21.23
CA GLN A 216 -2.91 5.89 -22.32
C GLN A 216 -2.39 7.23 -21.84
N ASP A 217 -2.75 7.63 -20.62
CA ASP A 217 -2.63 9.02 -20.17
C ASP A 217 -1.33 9.40 -19.43
N GLY A 218 -0.31 8.55 -19.49
CA GLY A 218 0.91 8.77 -18.69
C GLY A 218 0.68 8.68 -17.17
N GLU A 219 1.44 9.47 -16.40
CA GLU A 219 1.45 9.38 -14.94
C GLU A 219 0.04 9.59 -14.35
N PRO A 220 -0.46 8.60 -13.58
CA PRO A 220 -1.82 8.72 -13.07
C PRO A 220 -1.93 9.67 -11.87
N GLN A 221 -3.16 10.08 -11.59
CA GLN A 221 -3.47 10.83 -10.39
C GLN A 221 -4.62 10.17 -9.62
N SER A 222 -4.88 10.70 -8.44
CA SER A 222 -5.92 10.18 -7.55
C SER A 222 -7.24 10.07 -8.27
N LYS A 223 -7.93 8.96 -8.07
CA LYS A 223 -9.24 8.77 -8.65
C LYS A 223 -10.31 8.84 -7.58
N SER A 224 -11.46 9.38 -7.95
CA SER A 224 -12.60 9.59 -7.05
C SER A 224 -13.18 8.28 -6.54
N LEU A 225 -12.77 7.85 -5.36
CA LEU A 225 -13.45 6.73 -4.72
C LEU A 225 -14.14 7.30 -3.49
N PHE A 226 -15.45 7.12 -3.40
CA PHE A 226 -16.27 7.77 -2.37
C PHE A 226 -16.59 6.83 -1.20
N PHE A 227 -16.32 7.31 0.02
CA PHE A 227 -16.59 6.58 1.24
C PHE A 227 -17.61 7.32 2.07
N ILE A 228 -18.45 6.57 2.78
CA ILE A 228 -19.25 7.14 3.87
C ILE A 228 -18.53 6.90 5.19
N LEU A 229 -18.79 7.75 6.16
CA LEU A 229 -18.45 7.49 7.55
C LEU A 229 -19.28 6.26 7.98
N ASP A 230 -18.68 5.32 8.73
CA ASP A 230 -19.39 4.09 9.07
C ASP A 230 -20.63 4.36 9.92
N THR A 231 -20.69 5.56 10.50
CA THR A 231 -21.84 6.00 11.28
C THR A 231 -23.06 6.37 10.42
N GLU A 232 -22.92 6.49 9.10
CA GLU A 232 -24.03 7.00 8.28
C GLU A 232 -24.93 5.89 7.82
N LYS A 233 -26.21 6.23 7.69
CA LYS A 233 -27.24 5.28 7.27
C LYS A 233 -27.13 4.96 5.79
N ALA A 234 -26.76 5.96 4.98
CA ALA A 234 -26.76 5.84 3.51
C ALA A 234 -28.14 5.41 2.97
N SER A 235 -29.21 5.95 3.55
CA SER A 235 -30.59 5.58 3.18
C SER A 235 -31.11 6.40 1.99
N SER A 236 -30.80 7.70 1.98
CA SER A 236 -31.19 8.57 0.85
C SER A 236 -30.39 8.20 -0.39
N GLU A 237 -30.77 8.78 -1.52
CA GLU A 237 -30.13 8.49 -2.81
C GLU A 237 -29.00 9.47 -3.04
N ARG A 238 -27.77 8.95 -2.86
CA ARG A 238 -26.56 9.72 -3.02
C ARG A 238 -25.82 9.21 -4.24
N ASP A 239 -25.67 10.12 -5.20
CA ASP A 239 -25.21 9.77 -6.52
C ASP A 239 -23.75 9.36 -6.48
N LYS A 240 -22.95 10.08 -5.71
CA LYS A 240 -21.52 9.82 -5.71
C LYS A 240 -21.20 8.46 -5.13
N ILE A 241 -21.95 8.05 -4.11
CA ILE A 241 -21.79 6.73 -3.47
C ILE A 241 -22.22 5.60 -4.40
N LYS A 242 -23.29 5.84 -5.17
CA LYS A 242 -23.81 4.84 -6.07
C LYS A 242 -22.90 4.67 -7.29
N LEU A 243 -22.51 5.78 -7.89
CA LEU A 243 -21.74 5.73 -9.11
C LEU A 243 -20.24 5.52 -8.90
N PHE A 244 -19.70 6.05 -7.80
CA PHE A 244 -18.25 6.06 -7.57
C PHE A 244 -17.85 5.50 -6.21
N GLY A 245 -18.54 4.46 -5.77
CA GLY A 245 -18.30 3.86 -4.47
C GLY A 245 -17.99 2.39 -4.62
N TYR A 246 -18.58 1.58 -3.75
CA TYR A 246 -18.30 0.15 -3.76
C TYR A 246 -18.43 -0.47 -5.15
N LYS A 247 -19.52 -0.19 -5.85
CA LYS A 247 -19.76 -0.84 -7.14
C LYS A 247 -18.73 -0.45 -8.20
N TRP A 248 -18.22 0.79 -8.13
CA TRP A 248 -17.13 1.20 -9.01
C TRP A 248 -15.85 0.45 -8.66
N PHE A 249 -15.53 0.40 -7.37
CA PHE A 249 -14.38 -0.33 -6.88
C PHE A 249 -14.44 -1.81 -7.28
N ALA A 250 -15.62 -2.42 -7.11
CA ALA A 250 -15.78 -3.86 -7.34
C ALA A 250 -15.66 -4.21 -8.81
N ARG A 251 -16.20 -3.34 -9.67
CA ARG A 251 -16.13 -3.52 -11.12
C ARG A 251 -14.68 -3.45 -11.59
N GLN A 252 -13.94 -2.43 -11.13
CA GLN A 252 -12.54 -2.27 -11.50
C GLN A 252 -11.62 -3.30 -10.85
N SER A 253 -11.95 -3.72 -9.64
CA SER A 253 -11.18 -4.76 -8.94
C SER A 253 -11.13 -6.04 -9.72
N GLU A 254 -12.18 -6.32 -10.50
CA GLU A 254 -12.27 -7.53 -11.31
C GLU A 254 -11.22 -7.63 -12.38
N LYS A 255 -10.58 -6.50 -12.70
CA LYS A 255 -9.57 -6.45 -13.73
C LYS A 255 -8.12 -6.52 -13.21
N LEU A 256 -7.94 -6.54 -11.90
CA LEU A 256 -6.59 -6.50 -11.33
C LEU A 256 -5.74 -7.66 -11.82
N PHE A 257 -6.16 -8.88 -11.53
CA PHE A 257 -5.38 -10.06 -11.92
C PHE A 257 -5.26 -10.17 -13.47
N PRO A 258 -6.38 -9.98 -14.20
CA PRO A 258 -6.34 -10.01 -15.67
C PRO A 258 -5.36 -9.02 -16.27
N VAL A 259 -5.51 -7.74 -15.92
CA VAL A 259 -4.65 -6.70 -16.51
C VAL A 259 -3.20 -6.81 -16.03
N LEU A 260 -2.99 -6.99 -14.73
CA LEU A 260 -1.63 -7.04 -14.22
C LEU A 260 -0.88 -8.30 -14.67
N SER A 261 -1.57 -9.41 -14.87
CA SER A 261 -0.90 -10.60 -15.40
C SER A 261 -0.53 -10.43 -16.90
N ALA A 262 -1.32 -9.70 -17.65
CA ALA A 262 -0.97 -9.35 -19.03
C ALA A 262 0.26 -8.45 -19.06
N LEU A 263 0.29 -7.42 -18.21
CA LEU A 263 1.45 -6.54 -18.10
C LEU A 263 2.71 -7.33 -17.81
N GLU A 264 2.55 -8.42 -17.08
CA GLU A 264 3.67 -9.25 -16.68
C GLU A 264 4.33 -9.88 -17.90
N VAL A 265 3.53 -10.20 -18.91
CA VAL A 265 4.03 -10.75 -20.18
C VAL A 265 5.01 -9.77 -20.86
N LEU A 266 4.77 -8.48 -20.73
CA LEU A 266 5.57 -7.44 -21.43
C LEU A 266 6.85 -7.02 -20.71
N GLN A 267 7.06 -7.51 -19.51
CA GLN A 267 8.08 -6.96 -18.61
C GLN A 267 9.47 -7.44 -19.05
N VAL A 268 10.40 -6.50 -19.22
CA VAL A 268 11.75 -6.82 -19.72
C VAL A 268 12.61 -7.54 -18.68
N LYS A 269 13.18 -8.71 -19.03
CA LYS A 269 14.04 -9.47 -18.09
C LYS A 269 15.29 -8.68 -17.71
N GLY A 270 15.72 -8.82 -16.45
CA GLY A 270 16.91 -8.12 -15.95
C GLY A 270 16.74 -6.61 -15.84
N GLU A 271 15.52 -6.18 -15.53
CA GLU A 271 15.18 -4.76 -15.46
C GLU A 271 14.10 -4.55 -14.40
N GLU A 272 14.17 -3.43 -13.70
CA GLU A 272 13.13 -3.00 -12.77
C GLU A 272 11.76 -3.05 -13.47
N LYS A 273 10.77 -3.62 -12.80
CA LYS A 273 9.42 -3.72 -13.36
C LYS A 273 8.89 -2.31 -13.53
N ARG A 274 7.95 -2.14 -14.47
CA ARG A 274 7.30 -0.86 -14.61
C ARG A 274 5.82 -0.98 -14.95
N PRO A 275 5.04 0.07 -14.59
CA PRO A 275 3.60 0.00 -14.75
C PRO A 275 3.18 0.15 -16.20
N LEU A 276 1.98 -0.35 -16.51
CA LEU A 276 1.51 -0.40 -17.87
C LEU A 276 1.54 0.97 -18.56
N TRP A 277 1.26 2.04 -17.82
CA TRP A 277 1.28 3.37 -18.40
C TRP A 277 2.67 3.84 -18.77
N GLN A 278 3.69 3.30 -18.09
CA GLN A 278 5.07 3.60 -18.43
C GLN A 278 5.46 2.81 -19.66
N VAL A 279 5.09 1.53 -19.67
CA VAL A 279 5.41 0.66 -20.79
C VAL A 279 4.83 1.18 -22.10
N TYR A 280 3.59 1.63 -22.07
CA TYR A 280 2.94 2.22 -23.25
C TYR A 280 3.73 3.45 -23.70
N GLN A 281 4.03 4.33 -22.76
CA GLN A 281 4.77 5.54 -23.06
C GLN A 281 6.14 5.24 -23.70
N ASP A 282 6.80 4.20 -23.20
CA ASP A 282 8.10 3.76 -23.70
C ASP A 282 7.98 3.20 -25.12
N CYS A 283 6.90 2.49 -25.39
CA CYS A 283 6.57 2.02 -26.75
C CYS A 283 6.31 3.15 -27.73
N LEU A 284 5.67 4.22 -27.29
CA LEU A 284 5.40 5.35 -28.19
C LEU A 284 6.68 6.11 -28.54
N GLY A 285 7.62 6.19 -27.61
CA GLY A 285 8.80 7.02 -27.79
C GLY A 285 9.96 6.28 -28.44
N TYR A 286 9.86 4.96 -28.45
CA TYR A 286 10.83 4.11 -29.14
C TYR A 286 10.66 4.32 -30.63
N SER A 287 11.73 4.73 -31.30
CA SER A 287 11.64 4.95 -32.74
C SER A 287 12.05 3.66 -33.43
N ASP A 288 11.07 2.93 -33.95
CA ASP A 288 11.37 1.81 -34.82
C ASP A 288 10.76 2.05 -36.17
N THR A 289 11.64 2.23 -37.13
CA THR A 289 11.26 2.41 -38.50
C THR A 289 10.50 1.17 -39.02
N SER A 290 10.82 -0.01 -38.49
CA SER A 290 10.28 -1.29 -38.95
C SER A 290 9.02 -1.80 -38.24
N ASN A 291 8.48 -1.02 -37.29
CA ASN A 291 7.32 -1.45 -36.49
C ASN A 291 7.46 -2.82 -35.81
N ARG A 292 8.63 -3.06 -35.25
CA ARG A 292 8.93 -4.31 -34.56
C ARG A 292 7.92 -4.59 -33.43
N VAL A 293 7.68 -3.59 -32.59
CA VAL A 293 6.85 -3.70 -31.40
C VAL A 293 5.43 -4.08 -31.82
N LEU A 294 4.85 -3.26 -32.69
CA LEU A 294 3.51 -3.51 -33.19
C LEU A 294 3.37 -4.93 -33.75
N ASN A 295 4.40 -5.40 -34.45
CA ASN A 295 4.35 -6.72 -34.98
C ASN A 295 4.40 -7.83 -33.91
N GLU A 296 5.28 -7.67 -32.93
CA GLU A 296 5.42 -8.64 -31.84
C GLU A 296 4.12 -8.79 -31.03
N LEU A 297 3.47 -7.67 -30.70
CA LEU A 297 2.20 -7.70 -29.97
C LEU A 297 1.11 -8.38 -30.76
N ASN A 298 0.95 -8.00 -32.03
CA ASN A 298 -0.01 -8.67 -32.92
C ASN A 298 0.23 -10.18 -33.02
N ASN A 299 1.48 -10.59 -33.13
CA ASN A 299 1.78 -12.03 -33.14
C ASN A 299 1.30 -12.72 -31.86
N TYR A 300 1.66 -12.13 -30.71
CA TYR A 300 1.27 -12.64 -29.39
C TYR A 300 -0.24 -12.73 -29.24
N ILE A 301 -0.93 -11.64 -29.59
CA ILE A 301 -2.38 -11.57 -29.48
C ILE A 301 -3.05 -12.64 -30.32
N GLN A 302 -2.62 -12.75 -31.58
CA GLN A 302 -3.19 -13.73 -32.52
C GLN A 302 -2.93 -15.17 -32.07
N LYS A 303 -1.76 -15.43 -31.49
CA LYS A 303 -1.46 -16.73 -30.88
C LYS A 303 -2.28 -16.95 -29.61
N PHE A 304 -2.52 -15.87 -28.87
CA PHE A 304 -3.30 -15.92 -27.62
C PHE A 304 -4.72 -16.36 -27.92
N ILE A 305 -5.37 -15.70 -28.87
CA ILE A 305 -6.78 -15.99 -29.20
C ILE A 305 -7.02 -17.26 -30.04
N SER A 306 -5.94 -17.93 -30.45
CA SER A 306 -6.06 -19.11 -31.32
C SER A 306 -6.68 -20.28 -30.56
N LYS A 307 -7.24 -21.23 -31.31
CA LYS A 307 -7.98 -22.37 -30.76
C LYS A 307 -7.12 -23.32 -29.94
N GLU A 308 -5.86 -23.46 -30.31
CA GLU A 308 -4.91 -24.27 -29.53
C GLU A 308 -4.64 -23.60 -28.18
N GLU A 309 -4.86 -22.29 -28.13
CA GLU A 309 -4.50 -21.47 -26.98
C GLU A 309 -5.73 -21.07 -26.15
N ARG A 310 -6.21 -19.85 -26.25
CA ARG A 310 -7.33 -19.41 -25.41
C ARG A 310 -8.69 -19.44 -26.11
N ASP A 311 -8.71 -19.64 -27.43
CA ASP A 311 -9.95 -19.91 -28.17
C ASP A 311 -10.95 -18.74 -28.11
N LEU A 312 -10.52 -17.58 -28.57
CA LEU A 312 -11.34 -16.38 -28.48
C LEU A 312 -11.70 -15.87 -29.87
N PRO A 313 -12.75 -15.02 -29.97
CA PRO A 313 -13.17 -14.41 -31.24
C PRO A 313 -12.03 -13.88 -32.09
N GLU A 314 -12.06 -14.21 -33.39
CA GLU A 314 -11.04 -13.77 -34.34
C GLU A 314 -11.15 -12.26 -34.54
N ARG A 315 -10.01 -11.62 -34.80
CA ARG A 315 -10.01 -10.18 -35.06
C ARG A 315 -8.84 -9.79 -35.94
N ASP A 316 -9.05 -8.68 -36.66
CA ASP A 316 -8.02 -8.12 -37.52
C ASP A 316 -6.88 -7.61 -36.66
N ARG A 317 -5.65 -7.76 -37.16
CA ARG A 317 -4.46 -7.25 -36.47
C ARG A 317 -4.53 -5.73 -36.27
N ALA A 318 -3.89 -5.25 -35.21
CA ALA A 318 -3.87 -3.83 -34.90
C ALA A 318 -2.95 -3.10 -35.86
N THR A 319 -3.42 -1.98 -36.38
CA THR A 319 -2.64 -1.18 -37.31
C THR A 319 -1.80 -0.13 -36.59
N ASN A 320 -2.10 0.12 -35.32
CA ASN A 320 -1.31 1.04 -34.50
C ASN A 320 -1.07 0.54 -33.07
N LEU A 321 -0.22 1.24 -32.32
CA LEU A 321 0.17 0.80 -30.98
C LEU A 321 -0.95 0.97 -29.95
N GLU A 322 -1.72 2.05 -30.05
CA GLU A 322 -2.83 2.28 -29.15
C GLU A 322 -3.84 1.15 -29.26
N ASP A 323 -4.19 0.80 -30.48
CA ASP A 323 -5.18 -0.25 -30.73
C ASP A 323 -4.64 -1.65 -30.42
N ALA A 324 -3.32 -1.81 -30.48
CA ALA A 324 -2.67 -3.08 -30.13
C ALA A 324 -2.77 -3.36 -28.62
N PHE A 325 -2.53 -2.33 -27.81
CA PHE A 325 -2.69 -2.41 -26.36
C PHE A 325 -4.13 -2.71 -25.95
N LYS A 326 -5.09 -1.99 -26.51
CA LYS A 326 -6.51 -2.26 -26.25
C LYS A 326 -6.86 -3.69 -26.53
N GLN A 327 -6.38 -4.20 -27.66
CA GLN A 327 -6.58 -5.60 -28.01
C GLN A 327 -5.99 -6.53 -26.97
N LEU A 328 -4.81 -6.20 -26.49
CA LEU A 328 -4.12 -7.01 -25.49
C LEU A 328 -4.96 -7.07 -24.21
N LEU A 329 -5.52 -5.93 -23.83
CA LEU A 329 -6.27 -5.85 -22.58
C LEU A 329 -7.67 -6.44 -22.69
N SER A 330 -8.31 -6.33 -23.86
CA SER A 330 -9.58 -7.03 -24.11
C SER A 330 -9.40 -8.53 -23.94
N VAL A 331 -8.46 -9.10 -24.67
CA VAL A 331 -8.26 -10.55 -24.64
C VAL A 331 -7.86 -10.98 -23.23
N ALA A 332 -7.06 -10.16 -22.56
CA ALA A 332 -6.64 -10.42 -21.18
C ALA A 332 -7.86 -10.60 -20.27
N VAL A 333 -8.89 -9.79 -20.49
CA VAL A 333 -10.15 -9.88 -19.74
C VAL A 333 -11.10 -10.95 -20.32
N GLU A 334 -11.23 -10.97 -21.64
CA GLU A 334 -12.11 -11.92 -22.32
C GLU A 334 -11.91 -13.36 -21.88
N GLN A 335 -10.68 -13.77 -21.65
CA GLN A 335 -10.40 -15.15 -21.22
C GLN A 335 -11.06 -15.50 -19.87
N PHE A 336 -11.49 -14.49 -19.13
CA PHE A 336 -12.16 -14.71 -17.84
C PHE A 336 -13.69 -14.57 -17.92
N GLN A 337 -14.23 -14.38 -19.12
CA GLN A 337 -15.69 -14.29 -19.31
C GLN A 337 -16.30 -15.70 -19.38
N GLY A 338 -17.60 -15.79 -19.12
CA GLY A 338 -18.27 -17.07 -18.93
C GLY A 338 -18.04 -17.57 -17.52
N LYS A 339 -19.08 -17.47 -16.67
CA LYS A 339 -18.99 -17.87 -15.25
C LYS A 339 -18.49 -19.30 -15.04
N LYS A 340 -18.83 -20.17 -15.98
CA LYS A 340 -18.51 -21.60 -15.90
C LYS A 340 -17.01 -21.92 -15.90
N THR A 341 -16.22 -21.12 -16.62
CA THR A 341 -14.83 -21.49 -16.91
C THR A 341 -13.96 -21.60 -15.65
N GLU A 342 -12.83 -22.28 -15.77
CA GLU A 342 -11.91 -22.51 -14.64
C GLU A 342 -11.12 -21.26 -14.24
N ARG A 343 -10.84 -20.40 -15.21
CA ARG A 343 -10.09 -19.18 -14.97
C ARG A 343 -10.92 -18.15 -14.24
N ALA A 344 -12.21 -18.10 -14.54
CA ALA A 344 -13.12 -17.21 -13.81
C ALA A 344 -13.17 -17.53 -12.31
N ALA A 345 -12.89 -18.79 -11.96
CA ALA A 345 -12.79 -19.17 -10.55
C ALA A 345 -11.57 -18.56 -9.89
N VAL A 346 -10.43 -18.58 -10.58
CA VAL A 346 -9.20 -17.97 -10.07
C VAL A 346 -9.42 -16.46 -9.81
N ASN A 347 -10.01 -15.77 -10.77
CA ASN A 347 -10.25 -14.35 -10.58
C ASN A 347 -11.18 -14.08 -9.39
N ARG A 348 -12.15 -14.97 -9.15
CA ARG A 348 -13.06 -14.82 -8.01
C ARG A 348 -12.33 -14.93 -6.69
N LYS A 349 -11.40 -15.88 -6.60
CA LYS A 349 -10.55 -16.02 -5.41
C LYS A 349 -9.70 -14.78 -5.19
N TYR A 350 -9.19 -14.17 -6.26
CA TYR A 350 -8.47 -12.91 -6.12
C TYR A 350 -9.34 -11.85 -5.46
N ILE A 351 -10.61 -11.75 -5.87
CA ILE A 351 -11.52 -10.75 -5.30
C ILE A 351 -11.81 -11.02 -3.82
N ASN A 352 -12.10 -12.26 -3.48
CA ASN A 352 -12.42 -12.62 -2.11
C ASN A 352 -11.25 -12.45 -1.19
N GLU A 353 -10.07 -12.76 -1.68
CA GLU A 353 -8.85 -12.61 -0.90
C GLU A 353 -8.58 -11.13 -0.63
N LEU A 354 -8.69 -10.33 -1.67
CA LEU A 354 -8.54 -8.90 -1.56
C LEU A 354 -9.51 -8.37 -0.54
N GLU A 355 -10.78 -8.71 -0.66
CA GLU A 355 -11.78 -8.14 0.21
C GLU A 355 -11.60 -8.63 1.65
N SER A 356 -11.19 -9.88 1.82
CA SER A 356 -10.97 -10.40 3.17
C SER A 356 -9.69 -9.88 3.85
N GLN A 357 -8.57 -9.84 3.15
CA GLN A 357 -7.26 -9.57 3.78
C GLN A 357 -6.77 -8.13 3.67
N ILE A 358 -7.26 -7.40 2.68
CA ILE A 358 -6.80 -6.03 2.45
C ILE A 358 -7.88 -5.01 2.77
N CYS A 359 -9.14 -5.35 2.49
CA CYS A 359 -10.25 -4.39 2.62
C CYS A 359 -10.98 -4.47 3.97
N THR A 360 -10.30 -4.95 5.00
CA THR A 360 -10.91 -5.17 6.31
C THR A 360 -11.53 -3.88 6.90
N ASP A 361 -12.81 -3.96 7.20
CA ASP A 361 -13.64 -2.84 7.70
C ASP A 361 -13.65 -1.56 6.84
N PHE A 362 -13.27 -1.70 5.57
CA PHE A 362 -13.53 -0.67 4.59
C PHE A 362 -14.85 -0.95 3.91
N ILE A 363 -15.38 -2.14 4.13
CA ILE A 363 -16.60 -2.58 3.50
C ILE A 363 -17.62 -2.98 4.56
N GLN A 364 -18.87 -2.54 4.37
CA GLN A 364 -19.98 -2.92 5.24
C GLN A 364 -21.25 -3.13 4.42
N VAL A 365 -22.24 -3.76 5.05
CA VAL A 365 -23.57 -3.93 4.45
C VAL A 365 -24.50 -2.76 4.84
N ARG A 366 -25.41 -2.42 3.94
CA ARG A 366 -26.33 -1.34 4.19
C ARG A 366 -27.71 -1.68 3.65
N GLY A 367 -28.21 -2.84 4.10
CA GLY A 367 -29.56 -3.30 3.80
C GLY A 367 -29.73 -3.83 2.39
N ARG A 368 -30.70 -3.25 1.68
CA ARG A 368 -30.93 -3.54 0.25
C ARG A 368 -29.91 -2.83 -0.66
N ALA A 369 -29.23 -1.81 -0.12
CA ALA A 369 -28.19 -1.10 -0.87
C ALA A 369 -26.89 -1.90 -1.02
N GLY A 370 -26.82 -3.07 -0.38
CA GLY A 370 -25.71 -3.99 -0.56
C GLY A 370 -24.44 -3.48 0.11
N LYS A 371 -23.28 -3.90 -0.40
CA LYS A 371 -22.02 -3.48 0.16
C LYS A 371 -21.75 -2.00 -0.12
N VAL A 372 -21.02 -1.39 0.81
CA VAL A 372 -20.74 0.03 0.82
C VAL A 372 -19.32 0.29 1.38
N LEU A 373 -18.59 1.22 0.78
CA LEU A 373 -17.27 1.58 1.29
C LEU A 373 -17.38 2.58 2.43
N VAL A 374 -16.78 2.23 3.56
CA VAL A 374 -16.86 3.05 4.76
C VAL A 374 -15.49 3.42 5.33
N LEU A 375 -15.44 4.58 5.99
CA LEU A 375 -14.33 4.95 6.85
C LEU A 375 -14.79 4.86 8.31
N ASN A 376 -14.20 3.93 9.05
CA ASN A 376 -14.50 3.79 10.47
C ASN A 376 -13.80 4.88 11.23
N GLN A 377 -14.05 4.97 12.54
CA GLN A 377 -13.68 6.15 13.27
C GLN A 377 -12.18 6.20 13.55
N ASP A 378 -11.56 5.05 13.70
CA ASP A 378 -10.10 4.98 13.86
C ASP A 378 -9.35 5.51 12.66
N ARG A 379 -9.80 5.11 11.48
CA ARG A 379 -9.12 5.47 10.24
C ARG A 379 -9.33 6.93 9.93
N LEU A 380 -10.51 7.40 10.31
CA LEU A 380 -10.88 8.78 10.19
C LEU A 380 -9.98 9.69 11.03
N LEU A 381 -9.72 9.25 12.25
CA LEU A 381 -8.80 9.98 13.11
C LEU A 381 -7.38 9.85 12.59
N LEU A 382 -7.00 8.67 12.11
CA LEU A 382 -5.65 8.53 11.55
C LEU A 382 -5.45 9.49 10.36
N LEU A 383 -6.36 9.42 9.39
CA LEU A 383 -6.32 10.35 8.25
C LEU A 383 -6.27 11.79 8.66
N THR A 384 -7.03 12.15 9.67
CA THR A 384 -7.10 13.53 10.09
C THR A 384 -5.70 13.95 10.55
N ASN A 385 -5.09 13.12 11.39
CA ASN A 385 -3.78 13.41 11.93
C ASN A 385 -2.64 13.39 10.92
N LEU A 386 -2.68 12.42 10.02
CA LEU A 386 -1.69 12.38 8.97
C LEU A 386 -1.80 13.60 8.09
N THR A 387 -3.04 13.92 7.69
CA THR A 387 -3.28 15.00 6.73
C THR A 387 -2.94 16.38 7.31
N VAL A 388 -3.30 16.63 8.56
CA VAL A 388 -2.94 17.91 9.16
C VAL A 388 -1.43 17.89 9.40
N GLY A 389 -0.94 16.77 9.90
CA GLY A 389 0.49 16.50 9.91
C GLY A 389 1.28 17.57 10.62
N LYS A 390 2.28 18.09 9.94
CA LYS A 390 3.18 19.10 10.50
C LYS A 390 2.54 20.48 10.61
N ASN A 391 1.36 20.67 10.02
CA ASN A 391 0.63 21.91 10.19
C ASN A 391 -0.04 21.91 11.57
N LYS A 392 -0.23 23.10 12.11
CA LYS A 392 -0.99 23.30 13.31
C LYS A 392 -2.48 23.10 13.02
N LYS A 393 -2.89 23.59 11.86
CA LYS A 393 -4.28 23.76 11.48
C LYS A 393 -4.43 23.64 9.96
N LEU A 394 -5.51 23.03 9.51
CA LEU A 394 -5.90 23.10 8.10
C LEU A 394 -7.33 23.63 7.98
N ARG A 395 -7.57 24.41 6.94
CA ARG A 395 -8.92 24.75 6.54
C ARG A 395 -9.56 23.45 6.08
N LEU A 396 -10.86 23.34 6.29
CA LEU A 396 -11.55 22.11 5.96
C LEU A 396 -11.29 21.64 4.53
N HIS A 397 -11.30 22.55 3.57
CA HIS A 397 -11.15 22.16 2.17
C HIS A 397 -9.74 21.64 1.88
N GLU A 398 -8.78 22.23 2.57
CA GLU A 398 -7.39 21.81 2.55
C GLU A 398 -7.30 20.35 3.04
N LEU A 399 -7.99 20.05 4.14
CA LEU A 399 -8.03 18.71 4.72
C LEU A 399 -8.60 17.69 3.74
N LEU A 400 -9.70 18.05 3.11
CA LEU A 400 -10.39 17.11 2.21
C LEU A 400 -9.53 16.79 0.99
N ARG A 401 -8.76 17.77 0.55
CA ARG A 401 -7.84 17.56 -0.57
C ARG A 401 -6.73 16.60 -0.17
N GLY A 402 -6.28 16.67 1.08
CA GLY A 402 -5.34 15.69 1.61
C GLY A 402 -5.93 14.28 1.63
N PHE A 403 -7.14 14.15 2.15
CA PHE A 403 -7.85 12.89 2.15
C PHE A 403 -7.96 12.34 0.74
N GLU A 404 -8.29 13.21 -0.22
CA GLU A 404 -8.50 12.78 -1.59
C GLU A 404 -7.21 12.31 -2.23
N GLN A 405 -6.13 13.05 -2.01
CA GLN A 405 -4.79 12.63 -2.48
C GLN A 405 -4.47 11.20 -2.06
N ARG A 406 -4.92 10.81 -0.87
CA ARG A 406 -4.61 9.50 -0.35
C ARG A 406 -5.64 8.48 -0.76
N GLY A 407 -6.66 8.91 -1.50
CA GLY A 407 -7.63 7.99 -2.11
C GLY A 407 -9.02 8.02 -1.49
N PHE A 408 -9.26 8.97 -0.59
CA PHE A 408 -10.53 8.97 0.18
C PHE A 408 -11.35 10.21 -0.12
N TYR A 409 -12.48 10.00 -0.79
CA TYR A 409 -13.37 11.09 -1.17
C TYR A 409 -14.64 11.03 -0.35
N LEU A 410 -15.19 12.21 -0.06
CA LEU A 410 -16.39 12.39 0.74
C LEU A 410 -17.36 13.34 0.05
N ASP A 411 -18.63 12.96 -0.05
CA ASP A 411 -19.62 13.92 -0.56
C ASP A 411 -19.96 14.96 0.50
N ASN A 412 -20.81 15.92 0.11
CA ASN A 412 -21.20 16.99 1.01
C ASN A 412 -21.79 16.45 2.31
N GLN A 413 -22.73 15.52 2.20
CA GLN A 413 -23.37 14.96 3.38
C GLN A 413 -22.35 14.35 4.36
N SER A 414 -21.41 13.55 3.86
CA SER A 414 -20.38 12.93 4.71
C SER A 414 -19.50 13.98 5.34
N THR A 415 -19.25 15.07 4.62
CA THR A 415 -18.47 16.18 5.12
C THR A 415 -19.16 16.88 6.29
N GLN A 416 -20.48 16.94 6.25
CA GLN A 416 -21.26 17.51 7.38
C GLN A 416 -21.04 16.62 8.58
N MET A 417 -21.20 15.32 8.37
CA MET A 417 -21.09 14.35 9.46
C MET A 417 -19.67 14.35 10.04
N LEU A 418 -18.69 14.66 9.18
CA LEU A 418 -17.31 14.67 9.59
C LEU A 418 -17.08 15.81 10.55
N VAL A 419 -17.48 17.01 10.12
CA VAL A 419 -17.43 18.21 10.97
C VAL A 419 -18.13 18.01 12.33
N ALA A 420 -19.30 17.39 12.31
CA ALA A 420 -20.03 17.06 13.54
C ALA A 420 -19.22 16.13 14.43
N PHE A 421 -18.54 15.17 13.81
CA PHE A 421 -17.65 14.26 14.52
C PHE A 421 -16.50 15.04 15.17
N TYR A 422 -16.00 16.06 14.47
CA TYR A 422 -14.89 16.83 14.99
C TYR A 422 -15.29 17.72 16.18
N GLU A 423 -16.54 18.19 16.18
CA GLU A 423 -17.09 18.96 17.32
C GLU A 423 -17.05 18.16 18.62
N ARG A 424 -17.47 16.90 18.51
CA ARG A 424 -17.40 15.94 19.62
C ARG A 424 -15.99 15.57 20.01
N MET A 425 -15.11 15.54 19.03
CA MET A 425 -13.72 15.18 19.25
C MET A 425 -12.95 16.40 19.76
N GLY A 426 -13.51 17.60 19.54
CA GLY A 426 -12.93 18.83 20.11
C GLY A 426 -11.71 19.36 19.37
N ASN A 427 -11.61 19.03 18.08
CA ASN A 427 -10.48 19.47 17.28
C ASN A 427 -10.85 20.36 16.10
N VAL A 428 -11.95 21.09 16.21
CA VAL A 428 -12.43 21.92 15.11
C VAL A 428 -12.77 23.30 15.62
N GLU A 429 -12.58 24.31 14.80
CA GLU A 429 -13.06 25.66 15.10
C GLU A 429 -14.30 25.79 14.24
N ARG A 430 -15.45 25.84 14.88
CA ARG A 430 -16.74 25.70 14.21
C ARG A 430 -17.77 26.62 14.87
N MET A 431 -18.53 26.13 15.84
CA MET A 431 -19.61 26.92 16.40
C MET A 431 -19.16 27.87 17.52
N SER A 432 -17.91 27.77 17.96
CA SER A 432 -17.54 28.47 19.19
C SER A 432 -17.00 29.86 18.95
N ASP A 433 -16.99 30.29 17.68
CA ASP A 433 -16.53 31.61 17.27
C ASP A 433 -17.03 31.89 15.85
N SER A 434 -16.82 33.11 15.36
CA SER A 434 -17.23 33.47 14.01
C SER A 434 -15.98 33.73 13.20
N GLY A 435 -15.65 32.82 12.29
CA GLY A 435 -14.37 32.87 11.61
C GLY A 435 -14.46 32.83 10.10
N ASP A 436 -13.30 32.98 9.47
CA ASP A 436 -13.18 33.00 8.02
C ASP A 436 -13.30 31.60 7.41
N ALA A 437 -13.12 30.57 8.22
CA ALA A 437 -13.18 29.20 7.72
C ALA A 437 -13.44 28.20 8.85
N VAL A 438 -13.73 26.96 8.46
CA VAL A 438 -13.73 25.87 9.40
C VAL A 438 -12.30 25.38 9.48
N TYR A 439 -11.74 25.35 10.69
CA TYR A 439 -10.35 24.93 10.87
C TYR A 439 -10.31 23.60 11.63
N VAL A 440 -9.54 22.65 11.09
CA VAL A 440 -9.41 21.34 11.72
C VAL A 440 -7.99 21.13 12.22
N ARG A 441 -7.84 20.70 13.46
CA ARG A 441 -6.51 20.36 13.94
C ARG A 441 -6.36 18.91 14.34
N LYS A 442 -5.11 18.53 14.62
CA LYS A 442 -4.82 17.20 15.11
C LYS A 442 -5.48 16.99 16.47
N THR A 443 -6.00 15.80 16.69
CA THR A 443 -6.35 15.29 18.01
C THR A 443 -5.11 14.87 18.80
N VAL A 444 -4.10 14.31 18.13
CA VAL A 444 -2.82 14.11 18.79
C VAL A 444 -1.97 15.39 18.69
NA NA B . -18.56 29.73 13.52
#